data_4HI1
#
_entry.id   4HI1
#
_cell.length_a   39.710
_cell.length_b   81.300
_cell.length_c   40.530
_cell.angle_alpha   90.00
_cell.angle_beta   90.52
_cell.angle_gamma   90.00
#
_symmetry.space_group_name_H-M   'P 1 21 1'
#
loop_
_entity.id
_entity.type
_entity.pdbx_description
1 polymer Acylphosphatase
2 non-polymer 'MOLYBDATE ION'
3 non-polymer 'SULFATE ION'
4 water water
#
_entity_poly.entity_id   1
_entity_poly.type   'polypeptide(L)'
_entity_poly.pdbx_seq_one_letter_code
;MEKQCSKFIVSGHVQGVGFRYHTSHQGLKLGLTGYAKNLNNGDVEVVACGTPERLEELYLWLQEGPKTASVRQVRRLSSE
LEHDYQGFEIL
;
_entity_poly.pdbx_strand_id   A,B,C
#
loop_
_chem_comp.id
_chem_comp.type
_chem_comp.name
_chem_comp.formula
MOO non-polymer 'MOLYBDATE ION' 'Mo O4 -2'
SO4 non-polymer 'SULFATE ION' 'O4 S -2'
#
# COMPACT_ATOMS: atom_id res chain seq x y z
N GLN A 4 25.18 -3.14 -2.24
CA GLN A 4 23.85 -2.93 -2.80
C GLN A 4 22.88 -2.17 -1.91
N CYS A 5 23.29 -1.78 -0.70
CA CYS A 5 22.36 -1.07 0.18
C CYS A 5 22.88 0.30 0.52
N SER A 6 21.94 1.25 0.64
CA SER A 6 22.24 2.60 1.10
C SER A 6 21.44 2.91 2.38
N LYS A 7 22.08 3.58 3.30
CA LYS A 7 21.42 3.99 4.53
C LYS A 7 21.11 5.49 4.52
N PHE A 8 19.91 5.84 4.99
CA PHE A 8 19.50 7.25 5.14
C PHE A 8 19.02 7.58 6.55
N ILE A 9 19.33 8.78 7.02
CA ILE A 9 18.84 9.24 8.32
C ILE A 9 17.88 10.39 8.09
N VAL A 10 16.65 10.21 8.53
CA VAL A 10 15.56 11.14 8.22
C VAL A 10 15.18 11.82 9.52
N SER A 11 15.18 13.15 9.54
CA SER A 11 14.80 13.91 10.72
C SER A 11 13.56 14.77 10.50
N GLY A 12 12.96 15.27 11.58
CA GLY A 12 11.73 16.04 11.52
C GLY A 12 10.65 15.45 12.42
N HIS A 13 9.39 15.78 12.17
CA HIS A 13 8.31 15.10 12.89
C HIS A 13 8.07 13.81 12.11
N VAL A 14 8.75 12.74 12.49
CA VAL A 14 8.81 11.56 11.63
C VAL A 14 8.52 10.26 12.35
N GLN A 15 8.28 10.36 13.65
CA GLN A 15 7.88 9.18 14.43
C GLN A 15 6.43 9.29 14.90
N GLY A 16 5.73 8.16 14.85
CA GLY A 16 4.33 8.13 15.20
C GLY A 16 3.40 8.74 14.17
N VAL A 17 3.88 8.90 12.93
CA VAL A 17 3.09 9.58 11.90
C VAL A 17 3.04 8.79 10.60
N GLY A 18 3.18 7.47 10.71
CA GLY A 18 2.98 6.58 9.59
C GLY A 18 4.18 6.50 8.68
N PHE A 19 5.32 7.04 9.12
CA PHE A 19 6.48 7.18 8.24
C PHE A 19 7.20 5.85 7.96
N ARG A 20 7.46 5.06 9.00
CA ARG A 20 8.02 3.73 8.78
C ARG A 20 7.10 2.90 7.86
N TYR A 21 5.78 2.99 8.07
CA TYR A 21 4.87 2.19 7.24
C TYR A 21 4.92 2.63 5.79
N HIS A 22 4.82 3.94 5.55
CA HIS A 22 4.73 4.49 4.20
C HIS A 22 6.05 4.27 3.46
N THR A 23 7.16 4.38 4.18
CA THR A 23 8.50 4.17 3.63
C THR A 23 8.63 2.73 3.15
N SER A 24 8.16 1.77 3.95
CA SER A 24 8.25 0.37 3.58
C SER A 24 7.36 0.10 2.38
N HIS A 25 6.19 0.72 2.36
CA HIS A 25 5.30 0.62 1.22
C HIS A 25 5.92 1.14 -0.07
N GLN A 26 6.44 2.37 -0.05
CA GLN A 26 7.17 2.93 -1.20
C GLN A 26 8.37 2.05 -1.64
N GLY A 27 9.11 1.53 -0.67
CA GLY A 27 10.28 0.68 -0.95
C GLY A 27 9.86 -0.56 -1.70
N LEU A 28 8.80 -1.19 -1.21
CA LEU A 28 8.17 -2.34 -1.86
C LEU A 28 7.66 -2.05 -3.28
N LYS A 29 6.99 -0.92 -3.49
CA LYS A 29 6.60 -0.48 -4.83
C LYS A 29 7.78 -0.20 -5.80
N LEU A 30 8.95 0.03 -5.22
CA LEU A 30 10.15 0.22 -6.00
C LEU A 30 10.95 -1.06 -6.18
N GLY A 31 10.49 -2.14 -5.57
CA GLY A 31 11.17 -3.43 -5.59
C GLY A 31 12.41 -3.46 -4.71
N LEU A 32 12.46 -2.57 -3.73
CA LEU A 32 13.58 -2.55 -2.80
C LEU A 32 13.34 -3.48 -1.60
N THR A 33 14.40 -3.80 -0.88
CA THR A 33 14.26 -4.50 0.40
C THR A 33 15.00 -3.71 1.47
N GLY A 34 14.71 -3.99 2.73
CA GLY A 34 15.37 -3.26 3.79
C GLY A 34 14.48 -2.96 4.98
N TYR A 35 14.65 -1.79 5.58
CA TYR A 35 13.89 -1.48 6.79
C TYR A 35 13.76 0.01 7.06
N ALA A 36 12.71 0.38 7.81
CA ALA A 36 12.65 1.70 8.46
C ALA A 36 12.58 1.50 9.96
N LYS A 37 13.48 2.15 10.70
CA LYS A 37 13.64 1.94 12.12
C LYS A 37 13.53 3.25 12.90
N ASN A 38 12.66 3.29 13.92
CA ASN A 38 12.67 4.44 14.85
C ASN A 38 13.99 4.44 15.61
N LEU A 39 14.67 5.58 15.63
CA LEU A 39 15.85 5.78 16.47
C LEU A 39 15.47 6.48 17.79
N ASN A 40 16.29 6.27 18.82
CA ASN A 40 15.99 6.86 20.12
CA ASN A 40 15.97 6.85 20.12
C ASN A 40 15.91 8.39 20.14
N ASN A 41 16.64 9.04 19.23
CA ASN A 41 16.65 10.50 19.18
C ASN A 41 15.54 11.13 18.36
N GLY A 42 14.55 10.34 17.94
CA GLY A 42 13.45 10.90 17.18
C GLY A 42 13.56 10.78 15.68
N ASP A 43 14.74 10.42 15.17
CA ASP A 43 14.90 10.27 13.72
C ASP A 43 14.43 8.89 13.27
N VAL A 44 14.31 8.72 11.96
CA VAL A 44 14.10 7.41 11.37
C VAL A 44 15.28 6.98 10.48
N GLU A 45 15.84 5.82 10.78
CA GLU A 45 16.87 5.20 9.95
C GLU A 45 16.24 4.31 8.86
N VAL A 46 16.57 4.60 7.62
CA VAL A 46 16.09 3.79 6.50
C VAL A 46 17.26 3.13 5.79
N VAL A 47 17.23 1.81 5.74
CA VAL A 47 18.18 1.09 4.91
C VAL A 47 17.43 0.40 3.81
N ALA A 48 17.92 0.57 2.58
CA ALA A 48 17.28 -0.03 1.41
C ALA A 48 18.29 -0.59 0.46
N CYS A 49 17.92 -1.69 -0.18
CA CYS A 49 18.81 -2.48 -1.00
C CYS A 49 18.21 -2.71 -2.36
N GLY A 50 18.99 -2.41 -3.41
CA GLY A 50 18.61 -2.67 -4.80
C GLY A 50 19.54 -1.87 -5.71
N THR A 51 19.02 -1.43 -6.87
CA THR A 51 19.84 -0.69 -7.84
C THR A 51 19.97 0.77 -7.43
N PRO A 52 21.07 1.42 -7.82
CA PRO A 52 21.34 2.82 -7.48
C PRO A 52 20.24 3.74 -7.98
N GLU A 53 19.64 3.40 -9.11
CA GLU A 53 18.55 4.19 -9.67
C GLU A 53 17.32 4.09 -8.79
N ARG A 54 16.99 2.88 -8.36
CA ARG A 54 15.87 2.68 -7.44
C ARG A 54 16.12 3.40 -6.13
N LEU A 55 17.37 3.33 -5.65
CA LEU A 55 17.71 3.98 -4.40
C LEU A 55 17.64 5.48 -4.57
N GLU A 56 17.91 5.96 -5.79
CA GLU A 56 17.83 7.39 -6.04
C GLU A 56 16.39 7.87 -5.99
N GLU A 57 15.47 7.14 -6.60
CA GLU A 57 14.05 7.46 -6.48
C GLU A 57 13.57 7.42 -5.03
N LEU A 58 14.05 6.44 -4.27
CA LEU A 58 13.61 6.35 -2.89
C LEU A 58 14.05 7.60 -2.12
N TYR A 59 15.29 8.01 -2.34
CA TYR A 59 15.83 9.21 -1.72
C TYR A 59 15.01 10.46 -2.13
N LEU A 60 14.61 10.56 -3.40
CA LEU A 60 13.75 11.66 -3.83
C LEU A 60 12.42 11.64 -3.06
N TRP A 61 11.83 10.44 -2.92
CA TRP A 61 10.52 10.30 -2.30
C TRP A 61 10.58 10.69 -0.85
N LEU A 62 11.63 10.24 -0.16
CA LEU A 62 11.85 10.59 1.22
C LEU A 62 11.83 12.09 1.41
N GLN A 63 12.37 12.83 0.43
CA GLN A 63 12.42 14.29 0.54
C GLN A 63 11.09 14.95 0.15
N GLU A 64 10.50 14.48 -0.93
CA GLU A 64 9.41 15.22 -1.55
C GLU A 64 8.07 14.47 -1.67
N GLY A 65 8.07 13.16 -1.47
CA GLY A 65 6.86 12.36 -1.66
C GLY A 65 5.76 12.75 -0.70
N PRO A 66 4.50 12.69 -1.16
CA PRO A 66 3.33 12.86 -0.30
C PRO A 66 3.43 11.88 0.87
N LYS A 67 3.36 12.40 2.08
CA LYS A 67 3.50 11.61 3.31
C LYS A 67 2.93 12.41 4.46
N THR A 68 2.60 11.73 5.55
CA THR A 68 2.05 12.39 6.71
C THR A 68 3.11 13.11 7.53
N ALA A 69 4.31 12.53 7.59
CA ALA A 69 5.44 13.12 8.30
C ALA A 69 5.85 14.50 7.76
N SER A 70 6.53 15.28 8.61
CA SER A 70 7.17 16.53 8.19
C SER A 70 8.70 16.40 8.20
N VAL A 71 9.26 16.09 7.04
CA VAL A 71 10.69 15.79 6.91
C VAL A 71 11.44 17.10 6.87
N ARG A 72 12.42 17.20 7.77
CA ARG A 72 13.28 18.37 7.92
C ARG A 72 14.61 18.15 7.18
N GLN A 73 15.12 16.92 7.23
CA GLN A 73 16.37 16.60 6.60
C GLN A 73 16.46 15.14 6.23
N VAL A 74 16.95 14.87 5.04
CA VAL A 74 17.25 13.49 4.69
C VAL A 74 18.74 13.39 4.44
N ARG A 75 19.45 12.78 5.38
CA ARG A 75 20.90 12.62 5.26
C ARG A 75 21.24 11.30 4.61
N ARG A 76 22.10 11.33 3.59
CA ARG A 76 22.63 10.09 3.01
C ARG A 76 23.93 9.60 3.68
N LEU A 77 23.89 8.41 4.25
CA LEU A 77 25.07 7.81 4.85
C LEU A 77 25.68 6.89 3.79
N SER A 78 26.35 5.82 4.21
CA SER A 78 26.95 4.92 3.24
C SER A 78 25.99 4.37 2.20
N SER A 79 26.53 4.16 1.01
CA SER A 79 25.83 3.59 -0.12
C SER A 79 26.51 2.28 -0.49
N GLU A 80 27.46 1.86 0.35
CA GLU A 80 28.22 0.66 0.04
C GLU A 80 27.97 -0.48 1.04
N LEU A 81 26.81 -0.45 1.68
CA LEU A 81 26.46 -1.49 2.65
C LEU A 81 26.11 -2.80 1.94
N GLU A 82 26.63 -3.90 2.45
CA GLU A 82 26.39 -5.21 1.87
C GLU A 82 25.46 -5.99 2.79
N HIS A 83 24.15 -5.81 2.61
CA HIS A 83 23.17 -6.53 3.43
C HIS A 83 22.18 -7.35 2.61
N ASP A 84 21.49 -8.23 3.32
CA ASP A 84 20.52 -9.15 2.77
C ASP A 84 19.24 -8.96 3.58
N TYR A 85 18.16 -8.52 2.94
CA TYR A 85 16.84 -8.47 3.59
C TYR A 85 15.80 -9.14 2.70
N GLN A 86 14.86 -9.85 3.30
CA GLN A 86 13.81 -10.48 2.52
C GLN A 86 12.66 -9.54 2.13
N GLY A 87 12.23 -8.66 3.03
CA GLY A 87 11.16 -7.71 2.69
C GLY A 87 11.54 -6.30 3.09
N PHE A 88 10.56 -5.45 3.39
CA PHE A 88 10.91 -4.12 3.91
C PHE A 88 10.24 -3.95 5.27
N GLU A 89 10.99 -4.28 6.30
CA GLU A 89 10.45 -4.40 7.63
C GLU A 89 10.38 -3.06 8.35
N ILE A 90 9.38 -2.94 9.22
CA ILE A 90 9.28 -1.86 10.19
C ILE A 90 9.90 -2.29 11.51
N LEU A 91 10.85 -1.49 12.01
CA LEU A 91 11.64 -1.79 13.19
C LEU A 91 11.73 -0.61 14.15
N GLN B 4 -6.89 10.40 21.19
CA GLN B 4 -8.33 10.14 21.15
C GLN B 4 -8.66 8.95 20.25
N CYS B 5 -9.87 8.43 20.40
CA CYS B 5 -10.39 7.48 19.43
C CYS B 5 -11.70 8.00 18.85
N SER B 6 -12.03 7.51 17.66
CA SER B 6 -13.30 7.83 17.01
C SER B 6 -13.80 6.63 16.26
N LYS B 7 -15.12 6.58 16.10
CA LYS B 7 -15.76 5.54 15.33
CA LYS B 7 -15.77 5.53 15.34
C LYS B 7 -16.54 6.15 14.18
N PHE B 8 -16.41 5.55 13.01
CA PHE B 8 -17.12 6.00 11.82
C PHE B 8 -17.92 4.84 11.24
N ILE B 9 -19.24 4.99 11.13
CA ILE B 9 -20.05 3.97 10.46
C ILE B 9 -20.26 4.37 8.99
N VAL B 10 -19.67 3.61 8.08
CA VAL B 10 -19.67 3.98 6.69
C VAL B 10 -20.73 3.15 6.00
N SER B 11 -21.61 3.81 5.26
CA SER B 11 -22.59 3.05 4.51
C SER B 11 -22.49 3.30 3.03
N GLY B 12 -23.03 2.37 2.26
CA GLY B 12 -23.10 2.46 0.80
C GLY B 12 -22.70 1.15 0.17
N HIS B 13 -22.06 1.18 -1.00
CA HIS B 13 -21.51 -0.05 -1.57
C HIS B 13 -20.08 -0.16 -1.07
N VAL B 14 -19.93 -0.77 0.11
CA VAL B 14 -18.71 -0.66 0.87
C VAL B 14 -18.12 -2.02 1.26
N GLN B 15 -18.79 -3.09 0.94
CA GLN B 15 -18.26 -4.41 1.21
C GLN B 15 -17.96 -5.10 -0.11
N GLY B 16 -16.93 -5.93 -0.09
CA GLY B 16 -16.45 -6.59 -1.29
C GLY B 16 -15.88 -5.63 -2.33
N VAL B 17 -15.43 -4.46 -1.90
CA VAL B 17 -14.93 -3.47 -2.85
C VAL B 17 -13.61 -2.85 -2.40
N GLY B 18 -12.85 -3.59 -1.59
CA GLY B 18 -11.52 -3.17 -1.18
C GLY B 18 -11.56 -2.06 -0.15
N PHE B 19 -12.69 -1.90 0.52
CA PHE B 19 -12.85 -0.71 1.37
C PHE B 19 -12.10 -0.86 2.69
N ARG B 20 -12.14 -2.04 3.28
CA ARG B 20 -11.39 -2.24 4.54
C ARG B 20 -9.87 -2.20 4.31
N TYR B 21 -9.41 -2.86 3.26
CA TYR B 21 -7.98 -2.80 2.93
C TYR B 21 -7.48 -1.37 2.69
N HIS B 22 -8.19 -0.64 1.85
CA HIS B 22 -7.78 0.71 1.51
C HIS B 22 -7.88 1.60 2.75
N THR B 23 -8.92 1.40 3.55
CA THR B 23 -9.06 2.21 4.75
C THR B 23 -7.93 1.90 5.71
N SER B 24 -7.64 0.62 5.92
CA SER B 24 -6.54 0.29 6.79
C SER B 24 -5.19 0.84 6.23
N HIS B 25 -5.00 0.76 4.92
CA HIS B 25 -3.79 1.33 4.33
C HIS B 25 -3.71 2.83 4.62
N GLN B 26 -4.82 3.53 4.41
CA GLN B 26 -4.84 4.96 4.67
C GLN B 26 -4.55 5.29 6.15
N GLY B 27 -5.15 4.55 7.08
CA GLY B 27 -4.88 4.77 8.48
C GLY B 27 -3.42 4.54 8.85
N LEU B 28 -2.83 3.48 8.30
CA LEU B 28 -1.43 3.17 8.60
C LEU B 28 -0.53 4.25 8.04
N LYS B 29 -0.87 4.80 6.86
CA LYS B 29 -0.07 5.88 6.28
C LYS B 29 -0.15 7.15 7.15
N LEU B 30 -1.23 7.24 7.95
CA LEU B 30 -1.48 8.38 8.83
C LEU B 30 -0.92 8.18 10.23
N GLY B 31 -0.37 6.99 10.49
CA GLY B 31 0.12 6.67 11.82
C GLY B 31 -0.99 6.25 12.78
N LEU B 32 -2.16 5.91 12.26
CA LEU B 32 -3.27 5.53 13.12
C LEU B 32 -3.30 4.04 13.46
N THR B 33 -4.04 3.69 14.52
CA THR B 33 -4.28 2.31 14.87
C THR B 33 -5.81 2.15 15.02
N GLY B 34 -6.29 0.91 14.90
CA GLY B 34 -7.71 0.67 14.89
C GLY B 34 -8.07 -0.49 13.97
N TYR B 35 -9.24 -0.40 13.36
CA TYR B 35 -9.72 -1.49 12.53
C TYR B 35 -10.78 -1.02 11.56
N ALA B 36 -11.01 -1.79 10.50
CA ALA B 36 -12.14 -1.56 9.62
C ALA B 36 -12.90 -2.88 9.57
N LYS B 37 -14.09 -2.87 10.16
CA LYS B 37 -14.89 -4.11 10.35
C LYS B 37 -16.15 -4.16 9.50
N ASN B 38 -16.34 -5.27 8.78
CA ASN B 38 -17.58 -5.47 8.04
C ASN B 38 -18.66 -5.76 9.06
N LEU B 39 -19.85 -5.18 8.84
CA LEU B 39 -20.96 -5.38 9.75
C LEU B 39 -22.01 -6.22 9.01
N ASN B 40 -22.78 -6.99 9.76
CA ASN B 40 -23.79 -7.85 9.17
C ASN B 40 -24.75 -7.15 8.24
N ASN B 41 -25.08 -5.89 8.57
CA ASN B 41 -26.05 -5.10 7.81
C ASN B 41 -25.52 -4.47 6.53
N GLY B 42 -24.26 -4.73 6.22
CA GLY B 42 -23.68 -4.12 5.04
C GLY B 42 -22.87 -2.84 5.24
N ASP B 43 -22.96 -2.24 6.41
CA ASP B 43 -22.10 -1.10 6.75
C ASP B 43 -20.68 -1.57 7.03
N VAL B 44 -19.75 -0.63 7.09
CA VAL B 44 -18.42 -0.91 7.59
C VAL B 44 -18.15 -0.02 8.76
N GLU B 45 -17.58 -0.57 9.82
CA GLU B 45 -17.34 0.20 11.04
C GLU B 45 -15.84 0.44 11.15
N VAL B 46 -15.43 1.70 11.09
CA VAL B 46 -14.02 2.05 11.17
C VAL B 46 -13.77 2.66 12.54
N VAL B 47 -12.83 2.08 13.27
CA VAL B 47 -12.41 2.70 14.53
C VAL B 47 -10.96 3.14 14.38
N ALA B 48 -10.66 4.36 14.80
CA ALA B 48 -9.29 4.83 14.66
C ALA B 48 -8.86 5.63 15.87
N CYS B 49 -7.60 5.45 16.23
CA CYS B 49 -7.03 6.08 17.41
C CYS B 49 -5.73 6.79 17.06
N GLY B 50 -5.66 8.06 17.42
CA GLY B 50 -4.52 8.93 17.22
C GLY B 50 -4.91 10.37 17.52
N THR B 51 -4.15 11.31 16.95
CA THR B 51 -4.41 12.74 17.20
C THR B 51 -5.71 13.22 16.55
N PRO B 52 -6.38 14.17 17.20
CA PRO B 52 -7.59 14.79 16.64
C PRO B 52 -7.36 15.23 15.21
N GLU B 53 -6.17 15.75 14.93
CA GLU B 53 -5.86 16.18 13.58
C GLU B 53 -5.74 14.99 12.62
N ARG B 54 -5.05 13.94 13.04
CA ARG B 54 -4.93 12.81 12.15
C ARG B 54 -6.28 12.11 11.91
N LEU B 55 -7.16 12.14 12.90
CA LEU B 55 -8.48 11.55 12.75
C LEU B 55 -9.33 12.33 11.75
N GLU B 56 -9.19 13.66 11.73
CA GLU B 56 -9.91 14.45 10.76
C GLU B 56 -9.46 14.08 9.36
N GLU B 57 -8.17 13.74 9.22
CA GLU B 57 -7.63 13.40 7.91
C GLU B 57 -8.23 12.09 7.42
N LEU B 58 -8.36 11.14 8.33
CA LEU B 58 -9.06 9.91 7.97
C LEU B 58 -10.51 10.16 7.51
N TYR B 59 -11.23 11.00 8.24
CA TYR B 59 -12.62 11.31 7.91
C TYR B 59 -12.73 11.94 6.51
N LEU B 60 -11.84 12.89 6.24
CA LEU B 60 -11.77 13.52 4.93
C LEU B 60 -11.65 12.46 3.86
N TRP B 61 -10.78 11.47 4.14
CA TRP B 61 -10.49 10.42 3.17
C TRP B 61 -11.70 9.50 2.97
N LEU B 62 -12.35 9.17 4.07
CA LEU B 62 -13.51 8.29 4.04
C LEU B 62 -14.58 8.88 3.14
N GLN B 63 -14.73 10.18 3.21
CA GLN B 63 -15.78 10.82 2.45
C GLN B 63 -15.40 11.18 1.00
N GLU B 64 -14.18 11.68 0.79
CA GLU B 64 -13.78 12.22 -0.51
C GLU B 64 -12.57 11.57 -1.16
N GLY B 65 -11.81 10.80 -0.39
CA GLY B 65 -10.61 10.15 -0.91
C GLY B 65 -10.95 9.25 -2.08
N PRO B 66 -10.13 9.29 -3.13
CA PRO B 66 -10.29 8.31 -4.21
C PRO B 66 -10.38 6.87 -3.68
N LYS B 67 -11.37 6.12 -4.15
CA LYS B 67 -11.50 4.74 -3.70
C LYS B 67 -12.50 3.99 -4.57
N THR B 68 -12.46 2.67 -4.48
CA THR B 68 -13.40 1.84 -5.22
C THR B 68 -14.83 1.91 -4.66
N ALA B 69 -14.97 2.02 -3.34
CA ALA B 69 -16.29 1.94 -2.71
C ALA B 69 -17.16 3.16 -3.02
N SER B 70 -18.48 3.00 -3.03
CA SER B 70 -19.35 4.15 -3.21
C SER B 70 -19.98 4.44 -1.88
N VAL B 71 -19.39 5.39 -1.20
CA VAL B 71 -19.82 5.74 0.13
C VAL B 71 -21.02 6.66 -0.02
N ARG B 72 -22.06 6.40 0.78
CA ARG B 72 -23.24 7.25 0.79
C ARG B 72 -23.16 8.17 1.98
N GLN B 73 -22.85 7.62 3.15
CA GLN B 73 -22.80 8.41 4.37
C GLN B 73 -21.67 7.97 5.29
N VAL B 74 -21.09 8.92 6.00
CA VAL B 74 -20.07 8.63 6.98
C VAL B 74 -20.51 9.25 8.30
N ARG B 75 -20.87 8.35 9.19
CA ARG B 75 -21.35 8.72 10.50
C ARG B 75 -20.21 8.92 11.48
N ARG B 76 -20.13 10.08 12.10
CA ARG B 76 -19.15 10.28 13.17
C ARG B 76 -19.78 9.85 14.48
N LEU B 77 -19.12 8.94 15.16
CA LEU B 77 -19.63 8.38 16.42
C LEU B 77 -18.51 8.33 17.47
N SER B 78 -18.86 8.22 18.74
CA SER B 78 -17.84 8.20 19.80
C SER B 78 -17.10 6.86 19.98
N SER B 79 -15.93 6.92 20.62
CA SER B 79 -15.12 5.74 20.90
C SER B 79 -13.96 6.10 21.84
N ASP B 84 -4.83 -0.25 23.60
CA ASP B 84 -4.18 0.22 22.39
C ASP B 84 -4.26 -0.83 21.33
N TYR B 85 -4.89 -0.48 20.22
CA TYR B 85 -4.87 -1.34 19.05
C TYR B 85 -3.47 -1.42 18.47
N GLN B 86 -3.12 -2.61 18.00
CA GLN B 86 -1.87 -2.82 17.30
C GLN B 86 -2.17 -2.86 15.82
N GLY B 87 -1.65 -1.90 15.08
CA GLY B 87 -1.87 -1.87 13.64
C GLY B 87 -3.27 -1.40 13.31
N PHE B 88 -3.69 -1.64 12.07
CA PHE B 88 -5.02 -1.29 11.65
C PHE B 88 -5.60 -2.52 11.01
N GLU B 89 -6.42 -3.26 11.75
CA GLU B 89 -6.79 -4.59 11.29
C GLU B 89 -8.01 -4.62 10.36
N ILE B 90 -7.93 -5.56 9.43
CA ILE B 90 -9.08 -5.88 8.60
C ILE B 90 -9.91 -6.91 9.33
N LEU B 91 -11.03 -6.41 9.84
CA LEU B 91 -11.90 -7.07 10.82
C LEU B 91 -11.40 -7.14 12.27
N CYS C 5 -12.88 -14.70 -13.26
CA CYS C 5 -11.47 -14.32 -13.18
C CYS C 5 -10.80 -14.14 -14.54
N SER C 6 -9.94 -13.14 -14.65
CA SER C 6 -9.23 -12.92 -15.88
C SER C 6 -7.73 -13.11 -15.70
N LYS C 7 -7.06 -13.47 -16.79
CA LYS C 7 -5.61 -13.63 -16.79
C LYS C 7 -4.95 -12.66 -17.77
N PHE C 8 -3.87 -12.04 -17.32
CA PHE C 8 -3.18 -11.02 -18.09
C PHE C 8 -1.71 -11.38 -18.05
N ILE C 9 -1.09 -11.36 -19.22
CA ILE C 9 0.36 -11.55 -19.32
C ILE C 9 1.05 -10.23 -19.65
N VAL C 10 1.83 -9.78 -18.68
CA VAL C 10 2.52 -8.53 -18.74
C VAL C 10 3.97 -8.77 -19.04
N SER C 11 4.44 -8.10 -20.08
CA SER C 11 5.82 -8.24 -20.54
C SER C 11 6.48 -6.88 -20.49
N GLY C 12 7.82 -6.88 -20.41
CA GLY C 12 8.59 -5.65 -20.39
C GLY C 12 9.65 -5.75 -19.31
N HIS C 13 10.05 -4.61 -18.75
CA HIS C 13 10.97 -4.64 -17.61
C HIS C 13 10.07 -4.70 -16.37
N VAL C 14 9.73 -5.92 -15.97
CA VAL C 14 8.62 -6.06 -15.00
C VAL C 14 8.97 -6.90 -13.78
N GLN C 15 10.20 -7.40 -13.71
CA GLN C 15 10.63 -8.18 -12.52
C GLN C 15 11.71 -7.41 -11.78
N GLY C 16 11.73 -7.59 -10.46
CA GLY C 16 12.72 -6.95 -9.61
C GLY C 16 12.44 -5.47 -9.43
N VAL C 17 11.23 -5.02 -9.80
CA VAL C 17 10.92 -3.59 -9.79
C VAL C 17 9.58 -3.32 -9.16
N GLY C 18 9.21 -4.12 -8.17
CA GLY C 18 8.04 -3.90 -7.35
C GLY C 18 6.71 -4.13 -8.02
N PHE C 19 6.73 -4.80 -9.17
CA PHE C 19 5.49 -4.92 -9.92
C PHE C 19 4.49 -5.87 -9.23
N ARG C 20 4.94 -7.00 -8.71
CA ARG C 20 4.00 -7.93 -8.08
C ARG C 20 3.38 -7.31 -6.82
N TYR C 21 4.17 -6.58 -6.05
CA TYR C 21 3.63 -5.94 -4.84
C TYR C 21 2.68 -4.83 -5.20
N HIS C 22 3.10 -3.97 -6.12
CA HIS C 22 2.23 -2.88 -6.55
C HIS C 22 0.93 -3.39 -7.19
N THR C 23 1.04 -4.40 -8.02
CA THR C 23 -0.16 -5.06 -8.55
C THR C 23 -1.08 -5.59 -7.44
N SER C 24 -0.50 -6.34 -6.50
CA SER C 24 -1.30 -6.90 -5.40
C SER C 24 -2.03 -5.78 -4.64
N HIS C 25 -1.31 -4.68 -4.44
CA HIS C 25 -1.85 -3.49 -3.77
C HIS C 25 -3.03 -2.87 -4.54
N GLN C 26 -2.88 -2.73 -5.85
CA GLN C 26 -3.94 -2.18 -6.67
C GLN C 26 -5.15 -3.10 -6.71
N GLY C 27 -4.89 -4.41 -6.76
CA GLY C 27 -5.95 -5.40 -6.72
C GLY C 27 -6.71 -5.37 -5.41
N LEU C 28 -5.98 -5.35 -4.30
CA LEU C 28 -6.63 -5.32 -2.99
C LEU C 28 -7.47 -4.04 -2.81
N LYS C 29 -6.98 -2.92 -3.32
CA LYS C 29 -7.69 -1.68 -3.23
C LYS C 29 -8.97 -1.74 -4.06
N LEU C 30 -8.99 -2.60 -5.08
CA LEU C 30 -10.18 -2.74 -5.92
C LEU C 30 -11.11 -3.84 -5.40
N GLY C 31 -10.71 -4.49 -4.30
CA GLY C 31 -11.44 -5.63 -3.79
C GLY C 31 -11.34 -6.87 -4.65
N LEU C 32 -10.27 -6.99 -5.45
CA LEU C 32 -10.10 -8.15 -6.30
C LEU C 32 -9.31 -9.22 -5.54
N THR C 33 -9.40 -10.46 -5.97
CA THR C 33 -8.51 -11.51 -5.44
C THR C 33 -7.81 -12.15 -6.61
N GLY C 34 -6.72 -12.87 -6.32
CA GLY C 34 -5.96 -13.51 -7.37
C GLY C 34 -4.48 -13.49 -7.01
N TYR C 35 -3.63 -13.28 -8.01
CA TYR C 35 -2.18 -13.37 -7.78
C TYR C 35 -1.40 -12.65 -8.87
N ALA C 36 -0.19 -12.18 -8.53
CA ALA C 36 0.83 -11.80 -9.50
C ALA C 36 2.00 -12.77 -9.39
N LYS C 37 2.36 -13.41 -10.51
CA LYS C 37 3.42 -14.43 -10.52
C LYS C 37 4.57 -14.15 -11.48
N ASN C 38 5.81 -14.18 -10.97
CA ASN C 38 6.98 -14.10 -11.86
C ASN C 38 7.10 -15.31 -12.75
N LEU C 39 7.18 -15.11 -14.07
CA LEU C 39 7.35 -16.22 -15.00
C LEU C 39 8.83 -16.37 -15.33
N ASN C 40 9.23 -17.56 -15.76
CA ASN C 40 10.66 -17.81 -15.91
C ASN C 40 11.24 -17.02 -17.08
N ASN C 41 10.42 -16.73 -18.08
CA ASN C 41 10.86 -15.94 -19.24
C ASN C 41 10.96 -14.45 -18.94
N GLY C 42 10.58 -14.01 -17.75
CA GLY C 42 10.69 -12.60 -17.42
C GLY C 42 9.39 -11.83 -17.46
N ASP C 43 8.34 -12.50 -17.94
CA ASP C 43 6.98 -11.95 -17.89
C ASP C 43 6.42 -12.04 -16.47
N VAL C 44 5.34 -11.30 -16.24
CA VAL C 44 4.56 -11.49 -15.03
C VAL C 44 3.15 -11.87 -15.44
N GLU C 45 2.63 -12.92 -14.80
CA GLU C 45 1.28 -13.38 -15.07
C GLU C 45 0.37 -12.91 -13.96
N VAL C 46 -0.73 -12.27 -14.32
CA VAL C 46 -1.68 -11.73 -13.35
C VAL C 46 -3.08 -12.34 -13.49
N VAL C 47 -3.54 -13.00 -12.43
CA VAL C 47 -4.91 -13.45 -12.40
C VAL C 47 -5.69 -12.64 -11.37
N ALA C 48 -6.82 -12.12 -11.83
CA ALA C 48 -7.64 -11.32 -10.96
C ALA C 48 -9.12 -11.74 -11.06
N CYS C 49 -9.78 -11.81 -9.91
CA CYS C 49 -11.18 -12.22 -9.85
C CYS C 49 -12.03 -11.10 -9.30
N GLY C 50 -13.14 -10.78 -9.98
CA GLY C 50 -14.01 -9.71 -9.57
C GLY C 50 -15.07 -9.40 -10.62
N THR C 51 -15.72 -8.27 -10.52
CA THR C 51 -16.68 -7.89 -11.56
C THR C 51 -15.90 -7.47 -12.80
N PRO C 52 -16.50 -7.63 -13.98
CA PRO C 52 -15.81 -7.21 -15.20
C PRO C 52 -15.37 -5.75 -15.15
N GLU C 53 -16.15 -4.90 -14.49
CA GLU C 53 -15.82 -3.48 -14.46
C GLU C 53 -14.57 -3.24 -13.62
N ARG C 54 -14.44 -3.91 -12.47
CA ARG C 54 -13.23 -3.76 -11.67
C ARG C 54 -12.00 -4.32 -12.38
N LEU C 55 -12.17 -5.44 -13.10
CA LEU C 55 -11.03 -6.04 -13.81
C LEU C 55 -10.52 -5.16 -14.95
N GLU C 56 -11.43 -4.40 -15.55
CA GLU C 56 -11.06 -3.41 -16.53
C GLU C 56 -10.24 -2.33 -15.91
N GLU C 57 -10.63 -1.90 -14.70
CA GLU C 57 -9.83 -0.92 -13.95
C GLU C 57 -8.41 -1.43 -13.65
N LEU C 58 -8.29 -2.70 -13.30
CA LEU C 58 -6.95 -3.25 -13.12
C LEU C 58 -6.19 -3.25 -14.45
N TYR C 59 -6.88 -3.51 -15.55
CA TYR C 59 -6.27 -3.50 -16.87
C TYR C 59 -5.73 -2.11 -17.22
N LEU C 60 -6.52 -1.06 -16.95
CA LEU C 60 -6.05 0.31 -17.13
C LEU C 60 -4.78 0.52 -16.29
N TRP C 61 -4.84 0.11 -15.02
CA TRP C 61 -3.67 0.26 -14.16
C TRP C 61 -2.46 -0.48 -14.71
N LEU C 62 -2.63 -1.76 -15.07
CA LEU C 62 -1.49 -2.49 -15.66
C LEU C 62 -0.85 -1.76 -16.85
N GLN C 63 -1.70 -1.18 -17.70
CA GLN C 63 -1.21 -0.51 -18.90
C GLN C 63 -0.55 0.83 -18.59
N GLU C 64 -1.17 1.65 -17.74
CA GLU C 64 -0.82 3.08 -17.66
C GLU C 64 -0.68 3.68 -16.25
N GLY C 65 -1.05 2.95 -15.20
CA GLY C 65 -0.95 3.50 -13.85
C GLY C 65 0.51 3.78 -13.55
N PRO C 66 0.81 4.88 -12.86
CA PRO C 66 2.17 5.19 -12.43
C PRO C 66 2.76 4.02 -11.67
N LYS C 67 3.90 3.50 -12.11
CA LYS C 67 4.51 2.34 -11.47
C LYS C 67 6.00 2.39 -11.76
N THR C 68 6.77 1.53 -11.09
CA THR C 68 8.20 1.49 -11.27
C THR C 68 8.54 0.75 -12.56
N ALA C 69 7.85 -0.37 -12.79
CA ALA C 69 8.09 -1.22 -13.97
C ALA C 69 7.87 -0.46 -15.27
N SER C 70 8.52 -0.95 -16.33
CA SER C 70 8.25 -0.50 -17.71
C SER C 70 7.45 -1.55 -18.51
N VAL C 71 6.14 -1.33 -18.61
CA VAL C 71 5.24 -2.29 -19.22
C VAL C 71 5.22 -2.15 -20.74
N ARG C 72 5.65 -3.21 -21.41
CA ARG C 72 5.67 -3.26 -22.85
C ARG C 72 4.28 -3.61 -23.40
N GLN C 73 3.60 -4.53 -22.73
CA GLN C 73 2.40 -5.11 -23.33
C GLN C 73 1.62 -5.93 -22.32
N VAL C 74 0.30 -5.76 -22.32
CA VAL C 74 -0.56 -6.45 -21.36
C VAL C 74 -1.46 -7.34 -22.15
N ARG C 75 -1.18 -8.63 -22.11
CA ARG C 75 -1.91 -9.59 -22.92
C ARG C 75 -3.19 -10.07 -22.23
N ARG C 76 -4.33 -9.88 -22.86
CA ARG C 76 -5.58 -10.42 -22.34
C ARG C 76 -5.72 -11.89 -22.69
N LEU C 77 -5.58 -12.72 -21.68
CA LEU C 77 -5.77 -14.14 -21.83
C LEU C 77 -7.19 -14.41 -21.37
N SER C 78 -7.49 -15.62 -20.92
CA SER C 78 -8.88 -15.98 -20.63
C SER C 78 -9.58 -15.00 -19.67
N SER C 79 -10.90 -14.83 -19.81
CA SER C 79 -11.64 -13.96 -18.91
C SER C 79 -12.78 -14.71 -18.21
N GLU C 80 -12.80 -16.03 -18.36
CA GLU C 80 -13.91 -16.81 -17.84
C GLU C 80 -13.43 -17.96 -16.96
N LEU C 81 -12.29 -17.77 -16.33
CA LEU C 81 -11.79 -18.73 -15.35
C LEU C 81 -12.67 -18.66 -14.10
N GLU C 82 -12.85 -19.80 -13.44
CA GLU C 82 -13.70 -19.88 -12.26
C GLU C 82 -12.90 -20.36 -11.05
N HIS C 83 -12.13 -19.43 -10.48
CA HIS C 83 -11.26 -19.73 -9.37
C HIS C 83 -11.77 -19.09 -8.09
N ASP C 84 -11.20 -19.54 -6.98
CA ASP C 84 -11.45 -18.95 -5.67
CA ASP C 84 -11.46 -18.97 -5.65
C ASP C 84 -10.12 -18.64 -5.00
N TYR C 85 -9.92 -17.40 -4.59
CA TYR C 85 -8.72 -17.04 -3.82
C TYR C 85 -9.16 -16.24 -2.63
N GLN C 86 -8.36 -16.23 -1.58
CA GLN C 86 -8.75 -15.46 -0.42
C GLN C 86 -8.20 -14.03 -0.52
N GLY C 87 -6.95 -13.91 -0.94
CA GLY C 87 -6.33 -12.61 -1.02
C GLY C 87 -5.74 -12.37 -2.39
N PHE C 88 -4.71 -11.55 -2.42
CA PHE C 88 -3.99 -11.31 -3.65
C PHE C 88 -2.51 -11.64 -3.47
N GLU C 89 -2.11 -12.82 -3.95
CA GLU C 89 -0.77 -13.38 -3.67
C GLU C 89 0.34 -12.86 -4.58
N ILE C 90 1.52 -12.70 -4.00
CA ILE C 90 2.75 -12.45 -4.76
C ILE C 90 3.49 -13.79 -4.85
N LEU C 91 3.64 -14.33 -6.07
CA LEU C 91 4.13 -15.68 -6.26
C LEU C 91 5.22 -15.70 -7.31
MO MOO D . 4.88 4.34 11.81
O1 MOO D . 4.50 3.24 10.22
O2 MOO D . 6.59 5.39 11.56
O3 MOO D . 5.26 3.03 13.28
O4 MOO D . 4.14 5.83 13.19
S SO4 E . -2.04 15.35 -1.59
O1 SO4 E . -1.28 14.19 -2.08
O2 SO4 E . -3.13 14.89 -0.74
O3 SO4 E . -1.20 16.24 -0.81
O4 SO4 E . -2.61 16.06 -2.74
MO MOO F . -12.12 -5.57 1.38
O1 MOO F . -11.91 -6.20 -0.49
O2 MOO F . -11.61 -7.17 2.46
O3 MOO F . -10.59 -4.32 1.56
O4 MOO F . -13.33 -4.72 2.95
S SO4 G . -0.99 4.44 -2.50
O1 SO4 G . 0.04 3.69 -3.23
O2 SO4 G . -2.26 3.69 -2.36
O3 SO4 G . -1.24 5.63 -3.30
O4 SO4 G . -0.45 4.84 -1.21
S SO4 H . -8.11 9.26 -10.34
O1 SO4 H . -7.16 9.01 -11.43
O2 SO4 H . -9.42 9.57 -10.88
O3 SO4 H . -8.21 8.08 -9.48
O4 SO4 H . -7.63 10.38 -9.54
MO MOO I . 8.35 -7.58 -6.76
O1 MOO I . 9.81 -6.39 -7.31
O2 MOO I . 7.54 -8.11 -8.51
O3 MOO I . 6.89 -6.43 -6.00
O4 MOO I . 7.69 -9.36 -5.71
#